data_4GQX
#
_entry.id   4GQX
#
_cell.length_a   67.203
_cell.length_b   67.203
_cell.length_c   144.104
_cell.angle_alpha   90.00
_cell.angle_beta   90.00
_cell.angle_gamma   120.00
#
_symmetry.space_group_name_H-M   'P 65'
#
_entity_poly.entity_id   1
_entity_poly.type   'polypeptide(L)'
_entity_poly.pdbx_seq_one_letter_code
;MHHHHHHGGGGGMNRLAKILPLENVVIDLSVTSKKRVFEQAGLIFENQNGIARSTVTDNLFARERLGSTGLGEGVAIPHG
RIKGLKHPLAAFVRLAEPIPFEAPDGQPVSLLIFLLVPEQATQAHLEILSEIAQLLSDRDTRERLHTEPDRDELHRLLTQ
WQP
;
_entity_poly.pdbx_strand_id   A,B
#
# COMPACT_ATOMS: atom_id res chain seq x y z
N MET A 13 -18.35 -3.14 -1.05
CA MET A 13 -17.44 -3.72 -2.10
C MET A 13 -16.48 -4.80 -1.56
N ASN A 14 -15.77 -5.43 -2.49
CA ASN A 14 -14.81 -6.47 -2.18
C ASN A 14 -13.49 -6.15 -2.89
N ARG A 15 -13.66 -5.40 -4.00
CA ARG A 15 -12.66 -4.58 -4.79
C ARG A 15 -11.55 -5.30 -5.55
N LEU A 16 -11.18 -6.44 -5.04
CA LEU A 16 -10.24 -7.31 -5.69
C LEU A 16 -11.14 -8.33 -6.40
N ALA A 17 -12.44 -8.24 -6.11
CA ALA A 17 -13.43 -9.16 -6.62
C ALA A 17 -13.48 -9.17 -8.13
N LYS A 18 -13.64 -7.99 -8.71
CA LYS A 18 -13.92 -7.91 -10.13
C LYS A 18 -12.67 -8.01 -11.01
N ILE A 19 -11.49 -7.88 -10.43
CA ILE A 19 -10.27 -7.99 -11.24
C ILE A 19 -9.44 -9.23 -10.97
N LEU A 20 -9.75 -9.94 -9.88
CA LEU A 20 -9.00 -11.16 -9.58
C LEU A 20 -9.87 -12.36 -9.61
N PRO A 21 -9.95 -13.02 -10.78
CA PRO A 21 -10.82 -14.19 -10.93
C PRO A 21 -10.18 -15.43 -10.37
N LEU A 22 -10.96 -16.49 -10.25
CA LEU A 22 -10.50 -17.78 -9.74
C LEU A 22 -9.34 -18.30 -10.59
N GLU A 23 -9.41 -18.09 -11.91
CA GLU A 23 -8.36 -18.53 -12.82
C GLU A 23 -7.03 -18.04 -12.34
N ASN A 24 -7.06 -16.87 -11.68
CA ASN A 24 -5.87 -16.12 -11.35
C ASN A 24 -5.41 -16.33 -9.92
N VAL A 25 -6.04 -17.30 -9.25
CA VAL A 25 -5.51 -17.86 -8.01
C VAL A 25 -4.74 -19.14 -8.33
N VAL A 26 -3.39 -19.03 -8.24
CA VAL A 26 -2.45 -20.14 -8.44
C VAL A 26 -1.78 -20.61 -7.14
N ILE A 27 -2.03 -21.87 -6.81
CA ILE A 27 -1.55 -22.50 -5.60
C ILE A 27 -0.27 -23.19 -5.94
N ASP A 28 0.70 -23.02 -5.04
CA ASP A 28 1.97 -23.74 -5.10
C ASP A 28 2.58 -23.81 -6.49
N LEU A 29 3.75 -23.22 -6.60
CA LEU A 29 4.41 -23.11 -7.84
C LEU A 29 5.85 -23.34 -7.51
N SER A 30 6.36 -24.45 -7.99
CA SER A 30 7.75 -24.78 -7.80
C SER A 30 8.51 -23.88 -8.77
N VAL A 31 9.35 -23.02 -8.23
CA VAL A 31 10.05 -22.07 -9.08
C VAL A 31 11.24 -21.45 -8.36
N THR A 32 12.21 -20.99 -9.13
CA THR A 32 13.53 -20.64 -8.60
C THR A 32 13.94 -19.13 -8.64
N SER A 33 13.75 -18.48 -9.78
CA SER A 33 14.11 -17.06 -9.98
C SER A 33 12.97 -16.11 -9.62
N LYS A 34 13.34 -14.85 -9.37
CA LYS A 34 12.38 -13.74 -9.36
C LYS A 34 11.85 -13.59 -10.77
N LYS A 35 12.73 -13.80 -11.76
CA LYS A 35 12.38 -13.84 -13.17
C LYS A 35 11.42 -14.98 -13.49
N ARG A 36 11.65 -16.12 -12.86
CA ARG A 36 10.81 -17.28 -13.08
C ARG A 36 9.35 -17.03 -12.74
N VAL A 37 9.11 -16.39 -11.60
CA VAL A 37 7.74 -16.12 -11.11
C VAL A 37 7.09 -15.11 -12.01
N PHE A 38 7.84 -14.06 -12.30
CA PHE A 38 7.41 -13.00 -13.19
C PHE A 38 7.00 -13.57 -14.57
N GLU A 39 7.75 -14.58 -15.05
CA GLU A 39 7.41 -15.28 -16.31
C GLU A 39 6.09 -16.04 -16.19
N GLN A 40 5.92 -16.72 -15.06
CA GLN A 40 4.69 -17.44 -14.79
C GLN A 40 3.54 -16.49 -14.54
N ALA A 41 3.80 -15.40 -13.84
CA ALA A 41 2.79 -14.39 -13.62
C ALA A 41 2.33 -13.87 -14.97
N GLY A 42 3.27 -13.77 -15.91
CA GLY A 42 3.00 -13.42 -17.30
C GLY A 42 2.05 -14.38 -18.02
N LEU A 43 2.25 -15.67 -17.80
CA LEU A 43 1.38 -16.68 -18.39
C LEU A 43 -0.06 -16.62 -17.84
N ILE A 44 -0.20 -16.28 -16.56
CA ILE A 44 -1.52 -16.21 -15.93
C ILE A 44 -2.43 -15.13 -16.57
N PHE A 45 -1.91 -13.91 -16.65
CA PHE A 45 -2.65 -12.81 -17.22
C PHE A 45 -2.92 -13.03 -18.70
N GLU A 46 -1.89 -13.49 -19.40
CA GLU A 46 -2.00 -13.93 -20.78
C GLU A 46 -3.16 -14.90 -20.98
N ASN A 47 -3.53 -15.67 -19.96
CA ASN A 47 -4.66 -16.58 -20.09
C ASN A 47 -6.04 -15.96 -20.10
N GLN A 48 -6.36 -15.16 -19.09
CA GLN A 48 -7.70 -14.62 -19.02
C GLN A 48 -7.86 -13.30 -19.77
N ASN A 49 -6.74 -12.73 -20.19
CA ASN A 49 -6.71 -11.52 -21.02
C ASN A 49 -5.97 -11.75 -22.35
N GLY A 50 -6.21 -10.93 -23.34
CA GLY A 50 -5.40 -11.05 -24.57
C GLY A 50 -3.88 -10.95 -24.41
N ILE A 51 -3.45 -10.22 -23.38
CA ILE A 51 -2.10 -9.65 -23.28
C ILE A 51 -0.91 -10.61 -23.42
N ALA A 52 0.10 -10.17 -24.19
CA ALA A 52 1.33 -10.93 -24.37
C ALA A 52 1.96 -11.18 -23.01
N ARG A 53 2.27 -12.44 -22.72
CA ARG A 53 2.89 -12.84 -21.45
C ARG A 53 4.22 -12.09 -21.20
N SER A 54 4.98 -11.89 -22.27
CA SER A 54 6.25 -11.15 -22.28
C SER A 54 6.15 -9.71 -21.81
N THR A 55 5.12 -9.00 -22.26
CA THR A 55 4.94 -7.59 -21.90
C THR A 55 4.65 -7.43 -20.41
N VAL A 56 3.86 -8.34 -19.86
CA VAL A 56 3.64 -8.36 -18.44
C VAL A 56 4.95 -8.55 -17.68
N THR A 57 5.72 -9.57 -18.01
CA THR A 57 6.93 -9.86 -17.25
C THR A 57 7.95 -8.73 -17.40
N ASP A 58 8.19 -8.27 -18.63
CA ASP A 58 9.07 -7.12 -18.87
C ASP A 58 8.68 -5.92 -18.00
N ASN A 59 7.39 -5.67 -17.91
CA ASN A 59 6.90 -4.47 -17.26
C ASN A 59 6.99 -4.51 -15.76
N LEU A 60 6.91 -5.74 -15.24
CA LEU A 60 7.00 -5.97 -13.80
C LEU A 60 8.43 -5.67 -13.31
N PHE A 61 9.40 -6.14 -14.09
CA PHE A 61 10.82 -5.82 -13.89
C PHE A 61 11.10 -4.34 -14.08
N ALA A 62 10.53 -3.78 -15.15
CA ALA A 62 10.55 -2.34 -15.33
C ALA A 62 9.91 -1.60 -14.12
N ARG A 63 9.74 -2.33 -13.01
CA ARG A 63 9.26 -1.73 -11.80
C ARG A 63 10.02 -2.32 -10.62
N GLU A 64 10.30 -3.62 -10.70
CA GLU A 64 11.00 -4.33 -9.65
C GLU A 64 12.47 -3.95 -9.51
N ARG A 65 13.15 -3.71 -10.64
CA ARG A 65 14.53 -3.22 -10.63
C ARG A 65 14.61 -1.77 -10.12
N LEU A 66 13.47 -1.06 -10.15
CA LEU A 66 13.35 0.32 -9.66
C LEU A 66 13.22 0.35 -8.11
N GLY A 67 13.14 -0.85 -7.52
CA GLY A 67 12.93 -1.05 -6.08
C GLY A 67 11.93 -2.16 -5.78
N SER A 68 12.30 -3.04 -4.87
CA SER A 68 11.47 -4.20 -4.47
C SER A 68 10.05 -3.86 -4.04
N THR A 69 9.12 -4.71 -4.47
CA THR A 69 7.71 -4.58 -4.12
C THR A 69 7.37 -5.61 -3.04
N GLY A 70 8.40 -6.19 -2.44
CA GLY A 70 8.24 -7.05 -1.28
C GLY A 70 7.72 -6.18 -0.16
N LEU A 71 6.75 -6.68 0.60
CA LEU A 71 6.14 -5.85 1.63
C LEU A 71 6.66 -6.22 3.03
N GLY A 72 7.49 -7.26 3.09
CA GLY A 72 7.98 -7.78 4.37
C GLY A 72 7.29 -9.10 4.69
N GLU A 73 8.01 -10.01 5.32
CA GLU A 73 7.44 -11.28 5.76
C GLU A 73 6.81 -12.16 4.63
N GLY A 74 7.59 -12.44 3.58
CA GLY A 74 7.16 -13.37 2.53
C GLY A 74 6.10 -12.85 1.56
N VAL A 75 5.80 -11.56 1.70
CA VAL A 75 4.69 -10.93 1.00
C VAL A 75 5.24 -9.93 -0.01
N ALA A 76 4.69 -9.96 -1.22
CA ALA A 76 5.08 -9.02 -2.23
C ALA A 76 3.88 -8.58 -3.05
N ILE A 77 3.95 -7.36 -3.59
CA ILE A 77 2.93 -6.86 -4.50
C ILE A 77 3.59 -6.33 -5.77
N PRO A 78 4.04 -7.22 -6.64
CA PRO A 78 4.61 -6.77 -7.88
C PRO A 78 3.49 -6.21 -8.72
N HIS A 79 3.75 -5.10 -9.41
CA HIS A 79 2.73 -4.45 -10.22
C HIS A 79 3.38 -3.60 -11.30
N GLY A 80 2.56 -3.01 -12.19
CA GLY A 80 3.05 -2.26 -13.36
C GLY A 80 1.94 -1.67 -14.21
N ARG A 81 2.32 -0.94 -15.25
CA ARG A 81 1.38 -0.36 -16.18
C ARG A 81 1.44 -1.24 -17.43
N ILE A 82 0.32 -1.35 -18.15
CA ILE A 82 0.26 -2.07 -19.43
C ILE A 82 -0.29 -1.15 -20.50
N LYS A 83 0.28 -1.23 -21.70
CA LYS A 83 -0.04 -0.33 -22.82
C LYS A 83 -1.51 -0.36 -23.31
N GLY A 84 -2.08 -1.54 -23.52
CA GLY A 84 -3.42 -1.57 -24.12
C GLY A 84 -4.56 -1.98 -23.21
N LEU A 85 -4.25 -2.18 -21.93
CA LEU A 85 -5.19 -2.71 -20.96
C LEU A 85 -6.41 -1.82 -20.79
N LYS A 86 -7.59 -2.41 -20.63
CA LYS A 86 -8.84 -1.64 -20.56
C LYS A 86 -9.40 -1.49 -19.15
N HIS A 87 -9.06 -2.44 -18.30
CA HIS A 87 -9.42 -2.44 -16.89
C HIS A 87 -8.23 -3.11 -16.16
N PRO A 88 -7.97 -2.78 -14.89
CA PRO A 88 -6.85 -3.41 -14.20
C PRO A 88 -7.01 -4.93 -14.11
N LEU A 89 -5.92 -5.64 -13.79
CA LEU A 89 -5.93 -7.10 -13.68
C LEU A 89 -5.14 -7.54 -12.46
N ALA A 90 -5.58 -8.60 -11.78
CA ALA A 90 -4.77 -9.05 -10.64
C ALA A 90 -4.58 -10.56 -10.60
N ALA A 91 -3.55 -11.02 -9.90
CA ALA A 91 -3.39 -12.45 -9.66
C ALA A 91 -2.90 -12.77 -8.25
N PHE A 92 -2.91 -14.05 -7.89
CA PHE A 92 -2.29 -14.43 -6.63
C PHE A 92 -1.47 -15.71 -6.82
N VAL A 93 -0.26 -15.72 -6.28
CA VAL A 93 0.59 -16.86 -6.44
C VAL A 93 1.18 -17.26 -5.12
N ARG A 94 1.15 -18.55 -4.80
CA ARG A 94 1.94 -19.11 -3.70
C ARG A 94 3.15 -19.83 -4.22
N LEU A 95 4.19 -19.87 -3.44
CA LEU A 95 5.34 -20.61 -3.88
C LEU A 95 5.66 -21.74 -2.93
N ALA A 96 6.09 -22.87 -3.51
CA ALA A 96 6.53 -24.02 -2.75
C ALA A 96 7.64 -23.56 -1.84
N GLU A 97 8.70 -23.05 -2.45
CA GLU A 97 9.83 -22.54 -1.70
C GLU A 97 9.82 -21.03 -1.85
N PRO A 98 9.92 -20.31 -0.71
CA PRO A 98 10.06 -18.87 -0.73
C PRO A 98 11.32 -18.50 -1.51
N ILE A 99 11.22 -17.53 -2.42
CA ILE A 99 12.38 -17.11 -3.21
C ILE A 99 13.03 -15.82 -2.70
N PRO A 100 14.36 -15.62 -2.94
CA PRO A 100 15.01 -14.37 -2.55
C PRO A 100 14.48 -13.23 -3.40
N PHE A 101 13.95 -12.21 -2.73
CA PHE A 101 13.16 -11.20 -3.42
C PHE A 101 13.63 -9.79 -3.11
N GLU A 102 14.65 -9.70 -2.27
CA GLU A 102 15.21 -8.43 -1.82
C GLU A 102 14.19 -7.62 -1.02
N ALA A 103 13.35 -8.33 -0.27
CA ALA A 103 12.34 -7.75 0.59
C ALA A 103 12.99 -6.81 1.63
N PRO A 104 12.22 -5.81 2.13
CA PRO A 104 12.75 -4.85 3.12
C PRO A 104 13.37 -5.51 4.34
N ASP A 105 12.81 -6.63 4.79
CA ASP A 105 13.29 -7.32 5.99
C ASP A 105 14.29 -8.44 5.72
N GLY A 106 14.72 -8.60 4.48
CA GLY A 106 15.70 -9.64 4.16
C GLY A 106 15.14 -11.04 3.98
N GLN A 107 13.90 -11.26 4.39
CA GLN A 107 13.22 -12.56 4.26
C GLN A 107 12.84 -12.91 2.80
N PRO A 108 12.87 -14.21 2.44
CA PRO A 108 12.36 -14.68 1.13
C PRO A 108 10.82 -14.57 0.98
N VAL A 109 10.34 -14.50 -0.26
CA VAL A 109 8.92 -14.27 -0.54
C VAL A 109 8.25 -15.55 -1.06
N SER A 110 7.09 -15.89 -0.50
CA SER A 110 6.31 -17.08 -0.93
C SER A 110 4.87 -16.74 -1.30
N LEU A 111 4.37 -15.65 -0.70
CA LEU A 111 3.05 -15.10 -1.05
C LEU A 111 3.18 -13.83 -1.89
N LEU A 112 2.48 -13.77 -3.01
CA LEU A 112 2.44 -12.51 -3.77
C LEU A 112 1.23 -12.33 -4.63
N ILE A 113 0.67 -11.13 -4.57
CA ILE A 113 -0.50 -10.79 -5.37
C ILE A 113 -0.12 -9.71 -6.38
N PHE A 114 -0.28 -10.03 -7.65
CA PHE A 114 0.18 -9.17 -8.73
C PHE A 114 -0.90 -8.17 -9.17
N LEU A 115 -0.50 -6.95 -9.48
CA LEU A 115 -1.46 -5.98 -9.99
C LEU A 115 -0.99 -5.30 -11.27
N LEU A 116 -1.78 -5.39 -12.33
CA LEU A 116 -1.49 -4.62 -13.53
C LEU A 116 -2.56 -3.60 -13.68
N VAL A 117 -2.17 -2.40 -14.09
CA VAL A 117 -3.12 -1.31 -14.36
C VAL A 117 -2.91 -0.63 -15.73
N PRO A 118 -3.99 -0.09 -16.31
CA PRO A 118 -3.79 0.57 -17.58
C PRO A 118 -2.93 1.84 -17.42
N GLU A 119 -2.32 2.26 -18.53
CA GLU A 119 -1.50 3.47 -18.59
C GLU A 119 -2.28 4.64 -18.05
N GLN A 120 -3.54 4.72 -18.48
CA GLN A 120 -4.45 5.76 -18.06
C GLN A 120 -4.88 5.54 -16.61
N ALA A 121 -4.40 6.42 -15.73
CA ALA A 121 -4.56 6.30 -14.28
C ALA A 121 -5.96 6.63 -13.84
N THR A 122 -6.46 5.86 -12.88
CA THR A 122 -7.76 6.08 -12.23
C THR A 122 -7.47 6.41 -10.79
N GLN A 123 -8.34 7.23 -10.23
CA GLN A 123 -8.45 7.42 -8.78
C GLN A 123 -8.55 6.09 -7.99
N ALA A 124 -9.13 5.07 -8.62
CA ALA A 124 -9.30 3.74 -8.02
C ALA A 124 -8.00 2.98 -7.87
N HIS A 125 -7.04 3.23 -8.75
CA HIS A 125 -5.79 2.50 -8.77
C HIS A 125 -5.12 2.53 -7.42
N LEU A 126 -5.09 3.71 -6.82
CA LEU A 126 -4.51 3.92 -5.50
C LEU A 126 -5.21 3.09 -4.44
N GLU A 127 -6.54 3.09 -4.47
CA GLU A 127 -7.38 2.46 -3.43
C GLU A 127 -7.42 0.94 -3.61
N ILE A 128 -7.06 0.47 -4.80
CA ILE A 128 -7.05 -0.96 -5.00
C ILE A 128 -5.71 -1.57 -4.59
N LEU A 129 -4.63 -0.89 -4.91
CA LEU A 129 -3.30 -1.26 -4.42
C LEU A 129 -3.25 -1.12 -2.91
N SER A 130 -3.97 -0.14 -2.36
CA SER A 130 -3.90 0.08 -0.92
C SER A 130 -4.67 -1.01 -0.16
N GLU A 131 -5.74 -1.50 -0.77
CA GLU A 131 -6.50 -2.59 -0.19
C GLU A 131 -5.68 -3.88 -0.16
N ILE A 132 -4.97 -4.13 -1.25
CA ILE A 132 -4.08 -5.28 -1.37
C ILE A 132 -3.02 -5.26 -0.27
N ALA A 133 -2.31 -4.13 -0.17
CA ALA A 133 -1.26 -3.92 0.82
C ALA A 133 -1.79 -4.21 2.22
N GLN A 134 -2.96 -3.69 2.52
CA GLN A 134 -3.49 -3.74 3.85
C GLN A 134 -3.82 -5.17 4.21
N LEU A 135 -4.21 -5.90 3.18
CA LEU A 135 -4.63 -7.29 3.26
C LEU A 135 -3.44 -8.19 3.53
N LEU A 136 -2.41 -8.07 2.71
CA LEU A 136 -1.19 -8.84 2.88
C LEU A 136 -0.49 -8.45 4.17
N SER A 137 -0.56 -7.16 4.49
CA SER A 137 0.10 -6.58 5.65
C SER A 137 -0.38 -7.19 6.96
N ASP A 138 -1.69 -7.32 7.13
CA ASP A 138 -2.23 -7.95 8.34
C ASP A 138 -1.82 -9.42 8.46
N ARG A 139 -1.20 -9.81 9.59
CA ARG A 139 -0.56 -11.14 9.71
C ARG A 139 -1.49 -12.26 10.17
N ASP A 140 -2.61 -11.88 10.78
CA ASP A 140 -3.68 -12.83 11.06
C ASP A 140 -4.15 -13.44 9.73
N THR A 141 -4.24 -12.60 8.69
CA THR A 141 -4.66 -13.00 7.34
C THR A 141 -3.52 -13.68 6.61
N ARG A 142 -2.36 -13.03 6.64
CA ARG A 142 -1.12 -13.52 6.05
C ARG A 142 -0.94 -15.02 6.33
N GLU A 143 -1.24 -15.46 7.55
CA GLU A 143 -1.18 -16.89 7.92
C GLU A 143 -2.23 -17.73 7.19
N ARG A 144 -3.49 -17.28 7.15
CA ARG A 144 -4.56 -18.02 6.45
C ARG A 144 -4.21 -18.29 4.99
N LEU A 145 -3.59 -17.31 4.33
CA LEU A 145 -3.18 -17.47 2.93
C LEU A 145 -1.99 -18.42 2.80
N HIS A 146 -1.13 -18.42 3.81
CA HIS A 146 0.06 -19.25 3.80
C HIS A 146 -0.27 -20.71 4.02
N THR A 147 -1.45 -20.99 4.57
CA THR A 147 -1.79 -22.36 4.93
C THR A 147 -2.90 -22.99 4.08
N GLU A 148 -3.88 -22.20 3.65
CA GLU A 148 -5.07 -22.74 2.97
C GLU A 148 -4.73 -23.56 1.72
N PRO A 149 -5.28 -24.78 1.62
CA PRO A 149 -5.11 -25.64 0.44
C PRO A 149 -6.25 -25.52 -0.58
N ASP A 150 -7.48 -25.45 -0.11
CA ASP A 150 -8.63 -25.26 -0.98
C ASP A 150 -8.48 -23.96 -1.78
N ARG A 151 -8.54 -24.07 -3.11
CA ARG A 151 -8.36 -22.92 -4.00
C ARG A 151 -9.59 -21.99 -4.05
N ASP A 152 -10.77 -22.60 -3.96
CA ASP A 152 -12.03 -21.88 -3.87
C ASP A 152 -12.04 -20.95 -2.65
N GLU A 153 -11.45 -21.44 -1.57
CA GLU A 153 -11.46 -20.72 -0.29
C GLU A 153 -10.44 -19.59 -0.26
N LEU A 154 -9.30 -19.80 -0.92
CA LEU A 154 -8.30 -18.74 -1.10
C LEU A 154 -8.79 -17.63 -2.03
N HIS A 155 -9.70 -17.94 -2.95
CA HIS A 155 -10.34 -16.90 -3.75
C HIS A 155 -11.36 -16.15 -2.91
N ARG A 156 -12.28 -16.87 -2.26
CA ARG A 156 -13.33 -16.25 -1.44
C ARG A 156 -12.77 -15.27 -0.44
N LEU A 157 -11.72 -15.69 0.26
CA LEU A 157 -11.03 -14.86 1.27
C LEU A 157 -10.40 -13.61 0.66
N LEU A 158 -9.70 -13.78 -0.46
CA LEU A 158 -9.08 -12.65 -1.18
C LEU A 158 -10.11 -11.63 -1.63
N THR A 159 -11.15 -12.09 -2.31
CA THR A 159 -12.12 -11.18 -2.88
C THR A 159 -13.25 -10.80 -1.94
N GLN A 160 -13.17 -11.17 -0.66
CA GLN A 160 -14.22 -10.80 0.28
C GLN A 160 -13.71 -10.20 1.58
N TRP A 161 -12.44 -9.83 1.63
CA TRP A 161 -11.83 -9.11 2.74
C TRP A 161 -12.41 -7.70 2.84
N GLN A 162 -12.94 -7.36 4.02
CA GLN A 162 -13.83 -6.21 4.23
C GLN A 162 -15.00 -6.11 3.20
N PRO A 163 -16.14 -6.87 3.41
CA PRO A 163 -17.36 -6.87 2.53
C PRO A 163 -18.58 -6.03 3.01
N MET B 13 15.58 8.09 -6.25
CA MET B 13 14.54 8.94 -5.58
C MET B 13 14.34 8.63 -4.09
N ASN B 14 13.52 9.45 -3.44
CA ASN B 14 13.22 9.33 -2.02
C ASN B 14 11.70 9.36 -1.85
N ARG B 15 11.06 10.05 -2.82
CA ARG B 15 9.60 10.05 -3.22
C ARG B 15 8.55 10.62 -2.27
N LEU B 16 8.87 10.58 -1.00
CA LEU B 16 8.07 11.18 0.02
C LEU B 16 8.80 12.50 0.27
N ALA B 17 9.98 12.63 -0.34
CA ALA B 17 10.86 13.77 -0.14
C ALA B 17 10.18 15.08 -0.51
N LYS B 18 9.68 15.14 -1.73
CA LYS B 18 9.20 16.41 -2.26
C LYS B 18 7.81 16.80 -1.81
N ILE B 19 7.07 15.88 -1.19
CA ILE B 19 5.72 16.21 -0.73
C ILE B 19 5.56 16.23 0.78
N LEU B 20 6.53 15.69 1.50
CA LEU B 20 6.43 15.70 2.96
C LEU B 20 7.56 16.51 3.57
N PRO B 21 7.30 17.81 3.78
CA PRO B 21 8.31 18.70 4.33
C PRO B 21 8.46 18.53 5.84
N LEU B 22 9.49 19.14 6.40
CA LEU B 22 9.77 19.08 7.83
C LEU B 22 8.60 19.65 8.63
N GLU B 23 7.97 20.70 8.11
CA GLU B 23 6.80 21.32 8.74
C GLU B 23 5.79 20.26 9.06
N ASN B 24 5.74 19.24 8.21
CA ASN B 24 4.67 18.26 8.21
C ASN B 24 5.04 17.00 8.96
N VAL B 25 6.18 17.04 9.65
CA VAL B 25 6.52 16.04 10.66
C VAL B 25 6.15 16.58 12.05
N VAL B 26 5.05 16.03 12.60
CA VAL B 26 4.52 16.37 13.94
C VAL B 26 4.73 15.24 14.97
N ILE B 27 5.53 15.56 15.99
CA ILE B 27 5.92 14.64 17.03
C ILE B 27 4.94 14.80 18.14
N ASP B 28 4.49 13.66 18.66
CA ASP B 28 3.66 13.60 19.86
C ASP B 28 2.52 14.61 19.87
N LEU B 29 1.32 14.07 19.89
CA LEU B 29 0.15 14.87 19.82
C LEU B 29 -0.81 14.23 20.76
N SER B 30 -1.09 14.95 21.84
CA SER B 30 -2.03 14.48 22.82
C SER B 30 -3.39 14.69 22.19
N VAL B 31 -4.11 13.60 21.97
CA VAL B 31 -5.40 13.68 21.30
C VAL B 31 -6.23 12.43 21.51
N THR B 32 -7.54 12.58 21.40
CA THR B 32 -8.48 11.57 21.86
C THR B 32 -9.33 10.85 20.76
N SER B 33 -9.94 11.62 19.84
CA SER B 33 -10.78 11.06 18.77
C SER B 33 -9.99 10.71 17.50
N LYS B 34 -10.59 9.85 16.67
CA LYS B 34 -10.15 9.69 15.28
C LYS B 34 -10.41 10.99 14.56
N LYS B 35 -11.53 11.64 14.92
CA LYS B 35 -11.89 12.97 14.44
C LYS B 35 -10.88 14.03 14.88
N ARG B 36 -10.40 13.89 16.10
CA ARG B 36 -9.45 14.84 16.64
C ARG B 36 -8.15 14.92 15.83
N VAL B 37 -7.63 13.76 15.43
CA VAL B 37 -6.36 13.68 14.68
C VAL B 37 -6.57 14.22 13.30
N PHE B 38 -7.67 13.79 12.69
CA PHE B 38 -8.08 14.24 11.38
C PHE B 38 -8.22 15.78 11.33
N GLU B 39 -8.72 16.38 12.43
CA GLU B 39 -8.81 17.83 12.58
C GLU B 39 -7.43 18.50 12.63
N GLN B 40 -6.54 17.90 13.41
CA GLN B 40 -5.18 18.36 13.49
C GLN B 40 -4.42 18.11 12.20
N ALA B 41 -4.65 16.95 11.58
CA ALA B 41 -4.04 16.67 10.29
C ALA B 41 -4.43 17.75 9.30
N GLY B 42 -5.70 18.19 9.40
CA GLY B 42 -6.24 19.32 8.63
C GLY B 42 -5.51 20.64 8.86
N LEU B 43 -5.16 20.92 10.11
CA LEU B 43 -4.40 22.13 10.43
C LEU B 43 -2.98 22.10 9.86
N ILE B 44 -2.38 20.92 9.78
CA ILE B 44 -1.01 20.78 9.25
C ILE B 44 -0.92 21.16 7.77
N PHE B 45 -1.78 20.55 6.96
CA PHE B 45 -1.78 20.81 5.54
C PHE B 45 -2.19 22.26 5.24
N GLU B 46 -3.20 22.72 5.95
CA GLU B 46 -3.64 24.11 5.94
C GLU B 46 -2.46 25.06 6.16
N ASN B 47 -1.43 24.63 6.88
CA ASN B 47 -0.28 25.50 7.09
C ASN B 47 0.67 25.67 5.93
N GLN B 48 1.13 24.58 5.33
CA GLN B 48 2.11 24.72 4.26
C GLN B 48 1.46 24.84 2.88
N ASN B 49 0.14 24.64 2.82
CA ASN B 49 -0.65 24.84 1.60
C ASN B 49 -1.81 25.81 1.85
N GLY B 50 -2.36 26.40 0.80
CA GLY B 50 -3.55 27.24 1.00
C GLY B 50 -4.75 26.57 1.67
N ILE B 51 -4.85 25.26 1.51
CA ILE B 51 -6.11 24.48 1.67
C ILE B 51 -6.85 24.62 3.00
N ALA B 52 -8.18 24.76 2.91
CA ALA B 52 -9.02 24.83 4.09
C ALA B 52 -8.83 23.57 4.92
N ARG B 53 -8.53 23.76 6.21
CA ARG B 53 -8.33 22.64 7.14
C ARG B 53 -9.53 21.69 7.19
N SER B 54 -10.73 22.27 7.14
CA SER B 54 -12.02 21.57 7.09
C SER B 54 -12.18 20.60 5.94
N THR B 55 -11.75 21.00 4.75
CA THR B 55 -11.90 20.19 3.56
C THR B 55 -11.02 18.95 3.63
N VAL B 56 -9.82 19.10 4.14
CA VAL B 56 -8.95 17.96 4.40
C VAL B 56 -9.60 16.99 5.38
N THR B 57 -10.05 17.45 6.54
CA THR B 57 -10.61 16.52 7.52
C THR B 57 -11.88 15.84 7.01
N ASP B 58 -12.82 16.62 6.45
CA ASP B 58 -14.04 16.08 5.83
C ASP B 58 -13.71 14.98 4.83
N ASN B 59 -12.69 15.22 4.01
CA ASN B 59 -12.36 14.32 2.92
C ASN B 59 -11.71 13.03 3.38
N LEU B 60 -10.99 13.11 4.49
CA LEU B 60 -10.32 11.96 5.05
C LEU B 60 -11.35 10.97 5.61
N PHE B 61 -12.36 11.51 6.29
CA PHE B 61 -13.54 10.74 6.73
C PHE B 61 -14.33 10.20 5.57
N ALA B 62 -14.55 11.05 4.57
CA ALA B 62 -15.12 10.60 3.31
C ALA B 62 -14.26 9.48 2.68
N ARG B 63 -13.39 8.88 3.48
CA ARG B 63 -12.61 7.76 3.03
C ARG B 63 -12.49 6.76 4.14
N GLU B 64 -12.38 7.28 5.37
CA GLU B 64 -12.19 6.45 6.56
C GLU B 64 -13.45 5.70 6.97
N ARG B 65 -14.61 6.34 6.81
CA ARG B 65 -15.91 5.67 7.06
C ARG B 65 -16.21 4.64 5.97
N LEU B 66 -15.51 4.73 4.84
CA LEU B 66 -15.62 3.78 3.73
C LEU B 66 -14.79 2.49 4.01
N GLY B 67 -14.06 2.50 5.13
CA GLY B 67 -13.14 1.42 5.53
C GLY B 67 -11.82 1.95 6.07
N SER B 68 -11.39 1.42 7.20
CA SER B 68 -10.18 1.86 7.91
C SER B 68 -8.91 1.79 7.07
N THR B 69 -8.08 2.82 7.25
CA THR B 69 -6.80 2.94 6.55
C THR B 69 -5.66 2.55 7.50
N GLY B 70 -6.03 1.98 8.65
CA GLY B 70 -5.07 1.41 9.58
C GLY B 70 -4.43 0.23 8.87
N LEU B 71 -3.12 0.10 9.00
CA LEU B 71 -2.39 -0.92 8.24
C LEU B 71 -2.04 -2.13 9.12
N GLY B 72 -2.35 -2.01 10.41
CA GLY B 72 -1.99 -3.04 11.40
C GLY B 72 -0.85 -2.53 12.26
N GLU B 73 -0.84 -2.90 13.53
CA GLU B 73 0.25 -2.56 14.44
C GLU B 73 0.51 -1.03 14.63
N GLY B 74 -0.53 -0.26 14.98
CA GLY B 74 -0.35 1.16 15.33
C GLY B 74 -0.13 2.09 14.15
N VAL B 75 -0.22 1.52 12.95
CA VAL B 75 0.16 2.20 11.72
C VAL B 75 -1.10 2.47 10.89
N ALA B 76 -1.20 3.69 10.38
CA ALA B 76 -2.30 4.03 9.52
C ALA B 76 -1.84 4.92 8.38
N ILE B 77 -2.55 4.87 7.25
CA ILE B 77 -2.30 5.74 6.12
C ILE B 77 -3.61 6.40 5.65
N PRO B 78 -4.12 7.36 6.45
CA PRO B 78 -5.31 8.04 6.04
C PRO B 78 -4.97 8.88 4.82
N HIS B 79 -5.88 8.94 3.86
CA HIS B 79 -5.62 9.67 2.61
C HIS B 79 -6.94 10.00 1.93
N GLY B 80 -6.87 10.77 0.84
CA GLY B 80 -8.05 11.32 0.17
C GLY B 80 -7.77 12.15 -1.07
N ARG B 81 -8.81 12.59 -1.74
CA ARG B 81 -8.67 13.45 -2.91
C ARG B 81 -8.99 14.87 -2.43
N ILE B 82 -8.37 15.88 -3.04
CA ILE B 82 -8.69 17.27 -2.75
C ILE B 82 -9.05 18.00 -4.04
N LYS B 83 -10.08 18.84 -3.99
CA LYS B 83 -10.63 19.56 -5.16
C LYS B 83 -9.63 20.45 -5.94
N GLY B 84 -8.90 21.34 -5.27
CA GLY B 84 -8.05 22.28 -6.02
C GLY B 84 -6.56 22.03 -5.99
N LEU B 85 -6.15 20.91 -5.40
CA LEU B 85 -4.75 20.62 -5.14
C LEU B 85 -3.96 20.49 -6.43
N LYS B 86 -2.72 21.01 -6.45
CA LYS B 86 -1.90 21.03 -7.67
C LYS B 86 -0.84 19.93 -7.72
N HIS B 87 -0.38 19.51 -6.55
CA HIS B 87 0.56 18.42 -6.39
C HIS B 87 0.14 17.70 -5.10
N PRO B 88 0.45 16.40 -4.94
CA PRO B 88 0.06 15.71 -3.70
C PRO B 88 0.72 16.32 -2.47
N LEU B 89 0.20 16.00 -1.28
CA LEU B 89 0.73 16.52 -0.02
C LEU B 89 0.79 15.41 1.01
N ALA B 90 1.82 15.39 1.85
CA ALA B 90 1.85 14.36 2.89
C ALA B 90 2.21 14.88 4.29
N ALA B 91 1.86 14.14 5.33
CA ALA B 91 2.26 14.50 6.69
C ALA B 91 2.65 13.28 7.50
N PHE B 92 3.21 13.50 8.68
CA PHE B 92 3.41 12.40 9.59
C PHE B 92 3.06 12.83 11.02
N VAL B 93 2.31 11.98 11.71
CA VAL B 93 1.90 12.33 13.06
C VAL B 93 2.18 11.17 13.99
N ARG B 94 2.77 11.47 15.14
CA ARG B 94 2.82 10.51 16.25
C ARG B 94 1.84 10.87 17.33
N LEU B 95 1.33 9.88 18.03
CA LEU B 95 0.43 10.19 19.09
C LEU B 95 0.99 9.75 20.43
N ALA B 96 0.72 10.56 21.44
CA ALA B 96 1.10 10.26 22.83
C ALA B 96 0.48 8.93 23.18
N GLU B 97 -0.84 8.90 23.10
CA GLU B 97 -1.59 7.69 23.37
C GLU B 97 -2.13 7.18 22.04
N PRO B 98 -1.90 5.89 21.74
CA PRO B 98 -2.50 5.26 20.60
C PRO B 98 -4.03 5.36 20.69
N ILE B 99 -4.69 5.75 19.60
CA ILE B 99 -6.15 5.87 19.60
C ILE B 99 -6.86 4.68 18.92
N PRO B 100 -8.12 4.38 19.32
CA PRO B 100 -8.86 3.31 18.68
C PRO B 100 -9.22 3.72 17.26
N PHE B 101 -8.79 2.91 16.28
CA PHE B 101 -8.79 3.33 14.90
C PHE B 101 -9.48 2.34 14.00
N GLU B 102 -9.97 1.26 14.61
CA GLU B 102 -10.63 0.17 13.90
C GLU B 102 -9.67 -0.53 12.93
N ALA B 103 -8.41 -0.61 13.32
CA ALA B 103 -7.37 -1.25 12.52
C ALA B 103 -7.72 -2.73 12.28
N PRO B 104 -7.17 -3.33 11.20
CA PRO B 104 -7.45 -4.75 10.88
C PRO B 104 -7.16 -5.71 12.02
N ASP B 105 -6.13 -5.43 12.82
CA ASP B 105 -5.74 -6.33 13.90
C ASP B 105 -6.33 -5.97 15.26
N GLY B 106 -7.19 -4.95 15.31
CA GLY B 106 -7.82 -4.58 16.56
C GLY B 106 -7.00 -3.67 17.45
N GLN B 107 -5.71 -3.51 17.14
CA GLN B 107 -4.81 -2.63 17.89
C GLN B 107 -5.06 -1.11 17.66
N PRO B 108 -4.83 -0.27 18.70
CA PRO B 108 -4.88 1.20 18.54
C PRO B 108 -3.72 1.77 17.69
N VAL B 109 -3.93 2.96 17.13
CA VAL B 109 -2.97 3.56 16.19
C VAL B 109 -2.25 4.75 16.85
N SER B 110 -0.93 4.80 16.71
CA SER B 110 -0.12 5.90 17.25
C SER B 110 0.80 6.53 16.18
N LEU B 111 1.13 5.73 15.17
CA LEU B 111 1.89 6.21 14.01
C LEU B 111 0.99 6.36 12.78
N LEU B 112 1.04 7.51 12.12
CA LEU B 112 0.30 7.62 10.88
C LEU B 112 0.82 8.68 9.92
N ILE B 113 0.91 8.30 8.65
CA ILE B 113 1.37 9.21 7.62
C ILE B 113 0.22 9.51 6.64
N PHE B 114 -0.13 10.78 6.54
CA PHE B 114 -1.30 11.19 5.78
C PHE B 114 -0.95 11.53 4.32
N LEU B 115 -1.80 11.10 3.40
CA LEU B 115 -1.58 11.44 2.00
C LEU B 115 -2.78 12.10 1.36
N LEU B 116 -2.60 13.31 0.83
CA LEU B 116 -3.65 13.92 0.00
C LEU B 116 -3.17 13.98 -1.40
N VAL B 117 -4.06 13.69 -2.36
CA VAL B 117 -3.76 13.78 -3.80
C VAL B 117 -4.81 14.60 -4.57
N PRO B 118 -4.39 15.20 -5.70
CA PRO B 118 -5.36 15.93 -6.47
C PRO B 118 -6.40 14.99 -7.10
N GLU B 119 -7.56 15.56 -7.45
CA GLU B 119 -8.64 14.84 -8.09
C GLU B 119 -8.13 14.14 -9.32
N GLN B 120 -7.31 14.87 -10.08
CA GLN B 120 -6.71 14.38 -11.28
C GLN B 120 -5.59 13.40 -10.95
N ALA B 121 -5.86 12.12 -11.23
CA ALA B 121 -5.01 10.99 -10.87
C ALA B 121 -3.77 10.92 -11.73
N THR B 122 -2.65 10.57 -11.10
CA THR B 122 -1.37 10.36 -11.76
C THR B 122 -1.04 8.91 -11.54
N GLN B 123 -0.32 8.37 -12.52
CA GLN B 123 0.39 7.11 -12.38
C GLN B 123 1.25 7.03 -11.08
N ALA B 124 1.79 8.17 -10.65
CA ALA B 124 2.64 8.27 -9.45
C ALA B 124 1.89 8.03 -8.16
N HIS B 125 0.60 8.36 -8.13
CA HIS B 125 -0.20 8.28 -6.92
C HIS B 125 -0.11 6.88 -6.32
N LEU B 126 -0.25 5.87 -7.17
CA LEU B 126 -0.18 4.49 -6.75
C LEU B 126 1.16 4.15 -6.12
N GLU B 127 2.24 4.60 -6.77
CA GLU B 127 3.62 4.26 -6.37
C GLU B 127 4.05 5.04 -5.12
N ILE B 128 3.37 6.15 -4.85
CA ILE B 128 3.73 6.93 -3.68
C ILE B 128 3.02 6.42 -2.43
N LEU B 129 1.74 6.09 -2.56
CA LEU B 129 1.01 5.37 -1.52
C LEU B 129 1.66 4.02 -1.25
N SER B 130 2.15 3.35 -2.29
CA SER B 130 2.71 2.02 -2.13
C SER B 130 4.05 2.09 -1.40
N GLU B 131 4.80 3.16 -1.64
CA GLU B 131 6.05 3.36 -0.94
C GLU B 131 5.83 3.58 0.57
N ILE B 132 4.80 4.37 0.88
CA ILE B 132 4.40 4.70 2.25
C ILE B 132 4.04 3.41 3.00
N ALA B 133 3.14 2.64 2.38
CA ALA B 133 2.68 1.38 2.91
C ALA B 133 3.86 0.46 3.25
N GLN B 134 4.80 0.35 2.34
CA GLN B 134 5.87 -0.60 2.45
C GLN B 134 6.79 -0.20 3.59
N LEU B 135 6.88 1.11 3.76
CA LEU B 135 7.70 1.75 4.78
C LEU B 135 7.14 1.54 6.18
N LEU B 136 5.86 1.84 6.35
CA LEU B 136 5.18 1.62 7.61
C LEU B 136 5.08 0.13 7.94
N SER B 137 4.87 -0.66 6.89
CA SER B 137 4.68 -2.09 6.98
C SER B 137 5.90 -2.79 7.58
N ASP B 138 7.10 -2.44 7.11
CA ASP B 138 8.30 -3.04 7.68
C ASP B 138 8.52 -2.67 9.15
N ARG B 139 8.63 -3.66 10.04
CA ARG B 139 8.61 -3.41 11.49
C ARG B 139 9.96 -3.03 12.12
N ASP B 140 11.05 -3.37 11.43
CA ASP B 140 12.36 -2.86 11.79
C ASP B 140 12.30 -1.32 11.77
N THR B 141 11.61 -0.76 10.77
CA THR B 141 11.48 0.69 10.58
C THR B 141 10.42 1.23 11.53
N ARG B 142 9.26 0.57 11.53
CA ARG B 142 8.13 0.86 12.41
C ARG B 142 8.59 1.20 13.83
N GLU B 143 9.56 0.45 14.34
CA GLU B 143 10.14 0.72 15.67
C GLU B 143 10.94 2.01 15.73
N ARG B 144 11.78 2.29 14.73
CA ARG B 144 12.59 3.51 14.69
C ARG B 144 11.72 4.75 14.74
N LEU B 145 10.59 4.70 14.05
CA LEU B 145 9.64 5.81 14.03
C LEU B 145 8.92 5.95 15.36
N HIS B 146 8.69 4.81 16.00
CA HIS B 146 7.96 4.78 17.26
C HIS B 146 8.80 5.31 18.40
N THR B 147 10.12 5.33 18.22
CA THR B 147 11.01 5.73 19.32
C THR B 147 11.74 7.06 19.13
N GLU B 148 12.06 7.42 17.89
CA GLU B 148 12.89 8.60 17.62
C GLU B 148 12.29 9.89 18.17
N PRO B 149 13.10 10.66 18.94
CA PRO B 149 12.67 11.97 19.46
C PRO B 149 13.09 13.16 18.58
N ASP B 150 14.30 13.11 18.03
CA ASP B 150 14.76 14.15 17.12
C ASP B 150 13.87 14.23 15.89
N ARG B 151 13.32 15.42 15.63
CA ARG B 151 12.38 15.64 14.54
C ARG B 151 13.07 15.70 13.18
N ASP B 152 14.27 16.26 13.16
CA ASP B 152 15.13 16.30 11.98
C ASP B 152 15.39 14.88 11.49
N GLU B 153 15.57 13.96 12.45
CA GLU B 153 15.96 12.60 12.14
C GLU B 153 14.78 11.76 11.66
N LEU B 154 13.61 12.06 12.21
CA LEU B 154 12.36 11.45 11.74
C LEU B 154 11.96 11.93 10.34
N HIS B 155 12.39 13.13 9.96
CA HIS B 155 12.19 13.59 8.58
C HIS B 155 13.17 12.88 7.66
N ARG B 156 14.46 12.93 7.99
CA ARG B 156 15.51 12.32 7.17
C ARG B 156 15.20 10.86 6.85
N LEU B 157 14.81 10.11 7.87
CA LEU B 157 14.45 8.69 7.73
C LEU B 157 13.24 8.48 6.81
N LEU B 158 12.19 9.27 7.02
CA LEU B 158 11.00 9.20 6.19
C LEU B 158 11.31 9.48 4.74
N THR B 159 11.99 10.59 4.48
CA THR B 159 12.21 11.00 3.11
C THR B 159 13.44 10.42 2.47
N GLN B 160 14.10 9.48 3.13
CA GLN B 160 15.29 8.85 2.54
C GLN B 160 15.29 7.31 2.58
N TRP B 161 14.14 6.72 2.87
CA TRP B 161 13.93 5.28 2.81
C TRP B 161 14.00 4.80 1.36
N GLN B 162 14.88 3.83 1.10
CA GLN B 162 15.35 3.46 -0.26
C GLN B 162 15.79 4.69 -1.13
N PRO B 163 17.07 5.18 -0.97
CA PRO B 163 17.65 6.34 -1.74
C PRO B 163 18.61 5.95 -2.92
#